data_8PCV
#
_entry.id   8PCV
#
_cell.length_a   41.840
_cell.length_b   41.840
_cell.length_c   233.280
_cell.angle_alpha   90.000
_cell.angle_beta   90.000
_cell.angle_gamma   120.000
#
_symmetry.space_group_name_H-M   'P 32 2 1'
#
loop_
_entity.id
_entity.type
_entity.pdbx_description
1 polymer Beta-lactamase
2 non-polymer [(4~{S})-2-oxidanyl-1,3,2-dioxaborolan-4-yl]methanol
3 non-polymer 'BORATE ION'
4 non-polymer 'SULFATE ION'
5 water water
#
_entity_poly.entity_id   1
_entity_poly.type   'polypeptide(L)'
_entity_poly.pdbx_seq_one_letter_code
;QTSAVQQKLAALEKSSGGRLGVALIDTADNTQVLYRGDERFPMCSTSKVMAAAAVLKQSETQKQLLNQPVEIKPADLVNY
NPIAEKHVNGTMTLAELSAAALQYSDNTAMNKLIAQLGGPGGVTAFARAIGDETFRLDRTEPTLNTAIPGDPRDTTTPRA
MAQTLRQLTLGHALGETQRAQLVTWLKGNTTGAASIRAGLPTSWTVGDKTGSGDYGTTNDIAVIWPQGRAPLVLVTYFTQ
PQQNAESRRDVLASAARIIAEGL
;
_entity_poly.pdbx_strand_id   A
#
loop_
_chem_comp.id
_chem_comp.type
_chem_comp.name
_chem_comp.formula
BO4 non-polymer 'BORATE ION' 'B H4 O4 -1'
SO4 non-polymer 'SULFATE ION' 'O4 S -2'
YCH non-polymer [(4~{S})-2-oxidanyl-1,3,2-dioxaborolan-4-yl]methanol 'C3 H7 B O4'
#
# COMPACT_ATOMS: atom_id res chain seq x y z
N SER A 3 18.79 17.10 -8.16
CA SER A 3 18.94 16.41 -9.43
C SER A 3 17.78 16.70 -10.37
N ALA A 4 17.95 16.25 -11.62
CA ALA A 4 16.89 16.40 -12.61
C ALA A 4 15.58 15.82 -12.12
N VAL A 5 15.64 14.61 -11.54
CA VAL A 5 14.39 13.97 -11.17
C VAL A 5 13.70 14.74 -10.06
N GLN A 6 14.47 15.27 -9.11
N GLN A 6 14.48 15.25 -9.09
CA GLN A 6 13.81 16.03 -8.04
CA GLN A 6 13.93 16.08 -8.04
C GLN A 6 13.21 17.33 -8.58
C GLN A 6 13.22 17.29 -8.62
N GLN A 7 13.86 17.96 -9.57
CA GLN A 7 13.29 19.16 -10.16
C GLN A 7 11.98 18.83 -10.88
N LYS A 8 11.95 17.69 -11.57
CA LYS A 8 10.76 17.33 -12.31
C LYS A 8 9.64 16.92 -11.37
N LEU A 9 9.97 16.22 -10.27
CA LEU A 9 8.94 15.88 -9.30
C LEU A 9 8.39 17.13 -8.61
N ALA A 10 9.25 18.11 -8.32
CA ALA A 10 8.76 19.34 -7.73
C ALA A 10 7.82 20.06 -8.69
N ALA A 11 8.17 20.07 -9.98
CA ALA A 11 7.34 20.70 -10.98
C ALA A 11 6.00 19.97 -11.10
N LEU A 12 6.04 18.64 -11.11
CA LEU A 12 4.79 17.89 -11.15
C LEU A 12 3.93 18.25 -9.96
N GLU A 13 4.53 18.29 -8.78
CA GLU A 13 3.78 18.66 -7.60
C GLU A 13 3.16 20.04 -7.75
N LYS A 14 3.95 21.00 -8.19
CA LYS A 14 3.42 22.35 -8.33
C LYS A 14 2.27 22.38 -9.33
N SER A 15 2.37 21.59 -10.39
CA SER A 15 1.31 21.59 -11.37
C SER A 15 0.03 20.94 -10.87
N SER A 16 0.13 20.09 -9.84
CA SER A 16 -0.98 19.28 -9.35
C SER A 16 -1.83 19.97 -8.30
N GLY A 17 -1.28 20.97 -7.60
CA GLY A 17 -2.02 21.61 -6.54
C GLY A 17 -1.98 20.90 -5.22
N GLY A 18 -1.32 19.75 -5.14
CA GLY A 18 -1.34 18.99 -3.91
C GLY A 18 0.05 18.80 -3.35
N ARG A 19 0.18 17.80 -2.50
CA ARG A 19 1.43 17.45 -1.84
C ARG A 19 1.80 16.02 -2.21
N LEU A 20 2.99 15.85 -2.77
CA LEU A 20 3.46 14.61 -3.35
C LEU A 20 4.61 14.07 -2.52
N GLY A 21 4.56 12.78 -2.20
CA GLY A 21 5.67 12.12 -1.55
C GLY A 21 6.08 10.92 -2.36
N VAL A 22 7.37 10.77 -2.60
CA VAL A 22 7.88 9.70 -3.42
C VAL A 22 9.10 9.11 -2.73
N ALA A 23 9.20 7.78 -2.76
CA ALA A 23 10.43 7.14 -2.40
C ALA A 23 10.69 6.01 -3.35
N LEU A 24 11.87 6.00 -3.95
CA LEU A 24 12.32 4.93 -4.82
C LEU A 24 13.52 4.29 -4.16
N ILE A 25 13.52 2.96 -4.09
CA ILE A 25 14.71 2.18 -3.79
C ILE A 25 15.06 1.38 -5.03
N ASP A 26 16.26 1.59 -5.54
CA ASP A 26 16.83 0.77 -6.60
C ASP A 26 17.68 -0.30 -5.92
N THR A 27 17.23 -1.56 -5.97
CA THR A 27 17.95 -2.57 -5.20
C THR A 27 19.28 -2.95 -5.84
N ALA A 28 19.54 -2.49 -7.06
CA ALA A 28 20.80 -2.79 -7.71
C ALA A 28 21.98 -2.24 -6.92
N ASP A 29 21.90 -0.98 -6.52
CA ASP A 29 22.96 -0.32 -5.75
C ASP A 29 22.44 0.23 -4.42
N ASN A 30 21.23 -0.15 -4.00
CA ASN A 30 20.61 0.32 -2.77
C ASN A 30 20.49 1.84 -2.75
N THR A 31 20.57 2.46 -3.92
CA THR A 31 20.37 3.91 -4.01
C THR A 31 18.90 4.24 -3.77
N GLN A 32 18.66 5.44 -3.28
CA GLN A 32 17.32 5.92 -2.95
C GLN A 32 17.10 7.28 -3.60
N VAL A 33 15.87 7.51 -4.04
CA VAL A 33 15.43 8.82 -4.50
C VAL A 33 14.21 9.18 -3.68
N LEU A 34 14.25 10.36 -3.09
CA LEU A 34 13.23 10.75 -2.13
C LEU A 34 12.71 12.13 -2.47
N TYR A 35 11.41 12.30 -2.31
CA TYR A 35 10.78 13.61 -2.48
C TYR A 35 9.76 13.69 -1.37
N ARG A 36 9.94 14.64 -0.45
CA ARG A 36 9.18 14.66 0.80
C ARG A 36 9.22 13.28 1.46
N GLY A 37 10.41 12.67 1.44
CA GLY A 37 10.53 11.30 1.86
C GLY A 37 10.26 11.08 3.33
N ASP A 38 10.43 12.10 4.17
CA ASP A 38 10.23 11.97 5.60
C ASP A 38 9.01 12.74 6.10
N GLU A 39 8.14 13.17 5.20
CA GLU A 39 6.86 13.75 5.60
C GLU A 39 5.82 12.66 5.75
N ARG A 40 4.92 12.85 6.71
CA ARG A 40 3.84 11.90 6.90
C ARG A 40 2.74 12.12 5.89
N PHE A 41 2.20 11.02 5.41
CA PHE A 41 1.08 11.01 4.52
C PHE A 41 0.06 10.00 5.02
N PRO A 42 -1.23 10.26 4.80
CA PRO A 42 -2.24 9.24 5.12
C PRO A 42 -2.05 8.03 4.23
N MET A 43 -2.02 6.86 4.85
CA MET A 43 -1.75 5.64 4.11
C MET A 43 -2.96 5.18 3.31
N CYS A 44 -4.16 5.41 3.86
CA CYS A 44 -5.38 4.81 3.36
C CYS A 44 -5.12 3.33 3.12
N SER A 45 -5.60 2.81 2.00
CA SER A 45 -5.57 1.35 1.81
C SER A 45 -4.17 0.79 1.59
N THR A 46 -3.12 1.61 1.47
CA THR A 46 -1.79 1.00 1.37
C THR A 46 -1.42 0.31 2.68
N SER A 47 -2.12 0.65 3.76
CA SER A 47 -1.94 -0.01 5.05
C SER A 47 -2.34 -1.48 4.99
N LYS A 48 -3.16 -1.87 4.01
CA LYS A 48 -3.61 -3.25 3.92
C LYS A 48 -2.44 -4.20 3.68
N VAL A 49 -1.36 -3.70 3.06
CA VAL A 49 -0.21 -4.57 2.90
C VAL A 49 0.33 -5.00 4.25
N MET A 50 0.36 -4.08 5.22
CA MET A 50 0.94 -4.42 6.53
CA MET A 50 0.94 -4.42 6.53
C MET A 50 0.06 -5.41 7.28
N ALA A 51 -1.26 -5.26 7.19
CA ALA A 51 -2.15 -6.20 7.86
C ALA A 51 -2.01 -7.59 7.27
N ALA A 52 -1.99 -7.70 5.94
CA ALA A 52 -1.81 -8.99 5.31
C ALA A 52 -0.48 -9.61 5.67
N ALA A 53 0.59 -8.82 5.67
CA ALA A 53 1.90 -9.35 5.98
C ALA A 53 1.96 -9.83 7.41
N ALA A 54 1.26 -9.13 8.30
CA ALA A 54 1.25 -9.53 9.70
C ALA A 54 0.57 -10.87 9.87
N VAL A 55 -0.51 -11.11 9.15
CA VAL A 55 -1.16 -12.41 9.22
C VAL A 55 -0.26 -13.48 8.61
N LEU A 56 0.40 -13.16 7.50
CA LEU A 56 1.35 -14.11 6.96
C LEU A 56 2.43 -14.47 7.97
N LYS A 57 2.95 -13.47 8.69
CA LYS A 57 3.96 -13.77 9.70
C LYS A 57 3.41 -14.72 10.77
N GLN A 58 2.17 -14.53 11.18
CA GLN A 58 1.55 -15.44 12.13
C GLN A 58 1.51 -16.87 11.59
N SER A 59 1.26 -17.01 10.29
CA SER A 59 1.13 -18.31 9.66
C SER A 59 2.44 -19.07 9.59
N GLU A 60 3.57 -18.42 9.91
CA GLU A 60 4.83 -19.15 9.92
C GLU A 60 4.87 -20.13 11.08
N THR A 61 4.17 -19.82 12.17
CA THR A 61 4.04 -20.69 13.31
C THR A 61 2.74 -21.47 13.32
N GLN A 62 1.63 -20.81 13.00
CA GLN A 62 0.34 -21.48 12.84
C GLN A 62 0.18 -21.85 11.38
N LYS A 63 0.69 -23.03 11.04
CA LYS A 63 0.91 -23.39 9.64
C LYS A 63 -0.37 -23.42 8.82
N GLN A 64 -1.51 -23.69 9.46
CA GLN A 64 -2.80 -23.78 8.78
C GLN A 64 -3.64 -22.51 8.94
N LEU A 65 -3.06 -21.44 9.47
CA LEU A 65 -3.87 -20.27 9.78
C LEU A 65 -4.59 -19.73 8.55
N LEU A 66 -3.94 -19.79 7.39
CA LEU A 66 -4.53 -19.11 6.24
C LEU A 66 -5.77 -19.82 5.75
N ASN A 67 -5.97 -21.08 6.15
CA ASN A 67 -7.14 -21.84 5.76
C ASN A 67 -8.25 -21.74 6.80
N GLN A 68 -8.06 -20.92 7.81
CA GLN A 68 -9.04 -20.78 8.87
C GLN A 68 -10.26 -20.04 8.33
N PRO A 69 -11.45 -20.61 8.41
CA PRO A 69 -12.63 -19.90 7.93
C PRO A 69 -13.04 -18.80 8.88
N VAL A 70 -13.51 -17.71 8.32
CA VAL A 70 -13.92 -16.54 9.08
C VAL A 70 -15.30 -16.16 8.57
N GLU A 71 -16.26 -16.00 9.47
N GLU A 71 -16.25 -16.04 9.49
CA GLU A 71 -17.64 -15.73 9.07
CA GLU A 71 -17.60 -15.63 9.15
C GLU A 71 -17.83 -14.26 8.72
C GLU A 71 -17.63 -14.21 8.59
N ILE A 72 -18.42 -14.00 7.56
CA ILE A 72 -18.79 -12.65 7.12
C ILE A 72 -20.25 -12.45 7.45
N LYS A 73 -20.53 -11.53 8.35
CA LYS A 73 -21.90 -11.24 8.74
C LYS A 73 -22.32 -9.87 8.19
N PRO A 74 -23.61 -9.61 8.05
CA PRO A 74 -24.05 -8.31 7.53
C PRO A 74 -23.50 -7.13 8.34
N ALA A 75 -23.42 -7.28 9.66
CA ALA A 75 -22.87 -6.20 10.48
C ALA A 75 -21.40 -5.93 10.17
N ASP A 76 -20.70 -6.90 9.54
CA ASP A 76 -19.29 -6.72 9.23
C ASP A 76 -19.08 -5.79 8.04
N LEU A 77 -20.08 -5.65 7.20
CA LEU A 77 -19.93 -4.90 5.96
C LEU A 77 -19.79 -3.43 6.26
N VAL A 78 -18.81 -2.79 5.64
CA VAL A 78 -18.64 -1.36 5.79
C VAL A 78 -18.93 -0.72 4.43
N ASN A 79 -18.11 0.23 4.01
CA ASN A 79 -18.47 1.08 2.88
C ASN A 79 -18.03 0.54 1.53
N TYR A 80 -17.05 -0.36 1.48
CA TYR A 80 -16.48 -0.83 0.22
C TYR A 80 -16.02 -2.26 0.43
N ASN A 81 -16.84 -3.22 -0.02
CA ASN A 81 -16.60 -4.64 0.27
C ASN A 81 -16.94 -5.44 -0.97
N PRO A 82 -16.21 -5.23 -2.05
CA PRO A 82 -16.58 -5.91 -3.30
C PRO A 82 -16.53 -7.42 -3.21
N ILE A 83 -15.64 -7.99 -2.42
CA ILE A 83 -15.51 -9.44 -2.31
C ILE A 83 -16.30 -9.98 -1.12
N ALA A 84 -16.18 -9.32 0.04
CA ALA A 84 -16.90 -9.78 1.21
C ALA A 84 -18.41 -9.82 0.97
N GLU A 85 -18.92 -8.85 0.21
CA GLU A 85 -20.34 -8.82 -0.15
C GLU A 85 -20.78 -10.12 -0.80
N LYS A 86 -19.88 -10.76 -1.54
CA LYS A 86 -20.20 -12.01 -2.22
C LYS A 86 -20.25 -13.19 -1.27
N HIS A 87 -19.91 -13.00 -0.01
CA HIS A 87 -19.80 -14.11 0.93
C HIS A 87 -20.50 -13.82 2.25
N VAL A 88 -21.38 -12.81 2.27
CA VAL A 88 -22.19 -12.54 3.44
C VAL A 88 -22.96 -13.80 3.83
N ASN A 89 -23.02 -14.05 5.14
CA ASN A 89 -23.67 -15.23 5.69
C ASN A 89 -22.95 -16.51 5.27
N GLY A 90 -21.68 -16.37 4.93
CA GLY A 90 -20.86 -17.50 4.60
C GLY A 90 -19.51 -17.25 5.23
N THR A 91 -18.50 -18.00 4.80
CA THR A 91 -17.15 -17.82 5.34
C THR A 91 -16.18 -17.50 4.22
N MET A 92 -15.09 -16.89 4.60
CA MET A 92 -13.91 -16.70 3.78
C MET A 92 -12.74 -17.14 4.63
N THR A 93 -11.75 -17.80 4.02
CA THR A 93 -10.54 -18.11 4.76
C THR A 93 -9.70 -16.85 4.93
N LEU A 94 -8.74 -16.93 5.84
CA LEU A 94 -7.86 -15.77 6.02
C LEU A 94 -7.05 -15.53 4.76
N ALA A 95 -6.73 -16.58 4.00
CA ALA A 95 -6.07 -16.35 2.73
C ALA A 95 -6.97 -15.57 1.80
N GLU A 96 -8.24 -15.96 1.72
CA GLU A 96 -9.15 -15.28 0.81
C GLU A 96 -9.38 -13.84 1.25
N LEU A 97 -9.39 -13.59 2.56
CA LEU A 97 -9.56 -12.23 3.06
C LEU A 97 -8.33 -11.40 2.77
N SER A 98 -7.14 -12.01 2.89
CA SER A 98 -5.92 -11.29 2.58
C SER A 98 -5.87 -10.92 1.11
N ALA A 99 -6.24 -11.87 0.25
CA ALA A 99 -6.27 -11.60 -1.18
C ALA A 99 -7.26 -10.49 -1.49
N ALA A 100 -8.43 -10.53 -0.85
CA ALA A 100 -9.45 -9.53 -1.13
C ALA A 100 -9.00 -8.16 -0.67
N ALA A 101 -8.39 -8.11 0.51
CA ALA A 101 -7.91 -6.84 1.00
C ALA A 101 -6.86 -6.26 0.05
N LEU A 102 -5.98 -7.11 -0.47
CA LEU A 102 -4.90 -6.59 -1.30
C LEU A 102 -5.32 -6.34 -2.73
N GLN A 103 -6.02 -7.30 -3.34
CA GLN A 103 -6.26 -7.23 -4.78
C GLN A 103 -7.49 -6.43 -5.14
N TYR A 104 -8.43 -6.29 -4.22
CA TYR A 104 -9.65 -5.53 -4.45
C TYR A 104 -9.84 -4.41 -3.45
N SER A 105 -8.90 -4.26 -2.52
CA SER A 105 -8.96 -3.22 -1.50
C SER A 105 -10.22 -3.32 -0.66
N ASP A 106 -10.65 -4.54 -0.39
CA ASP A 106 -11.87 -4.78 0.36
C ASP A 106 -11.71 -4.32 1.79
N ASN A 107 -12.61 -3.43 2.24
CA ASN A 107 -12.47 -2.87 3.58
C ASN A 107 -12.97 -3.82 4.65
N THR A 108 -13.99 -4.62 4.37
CA THR A 108 -14.39 -5.63 5.34
C THR A 108 -13.28 -6.62 5.58
N ALA A 109 -12.61 -7.04 4.51
CA ALA A 109 -11.49 -7.97 4.64
C ALA A 109 -10.41 -7.38 5.52
N MET A 110 -10.09 -6.11 5.32
CA MET A 110 -9.09 -5.46 6.15
C MET A 110 -9.50 -5.49 7.61
N ASN A 111 -10.76 -5.18 7.89
CA ASN A 111 -11.19 -5.18 9.28
C ASN A 111 -11.08 -6.57 9.89
N LYS A 112 -11.31 -7.62 9.10
CA LYS A 112 -11.16 -8.96 9.65
C LYS A 112 -9.69 -9.28 9.94
N LEU A 113 -8.79 -8.81 9.07
CA LEU A 113 -7.36 -8.99 9.31
C LEU A 113 -6.93 -8.25 10.56
N ILE A 114 -7.42 -7.01 10.74
CA ILE A 114 -7.11 -6.26 11.94
C ILE A 114 -7.60 -7.00 13.19
N ALA A 115 -8.83 -7.53 13.13
CA ALA A 115 -9.37 -8.29 14.26
C ALA A 115 -8.48 -9.50 14.58
N GLN A 116 -8.03 -10.21 13.54
CA GLN A 116 -7.17 -11.36 13.73
C GLN A 116 -5.88 -10.98 14.46
N LEU A 117 -5.43 -9.76 14.26
CA LEU A 117 -4.18 -9.28 14.85
C LEU A 117 -4.40 -8.63 16.22
N GLY A 118 -5.64 -8.58 16.69
CA GLY A 118 -5.91 -8.01 17.99
C GLY A 118 -6.08 -6.52 18.00
N GLY A 119 -6.43 -5.95 16.86
CA GLY A 119 -6.68 -4.52 16.80
C GLY A 119 -5.62 -3.81 16.01
N PRO A 120 -5.84 -2.53 15.73
CA PRO A 120 -4.81 -1.75 15.02
C PRO A 120 -3.45 -1.81 15.70
N GLY A 121 -3.40 -1.88 17.03
CA GLY A 121 -2.11 -1.98 17.71
C GLY A 121 -1.33 -3.23 17.36
N GLY A 122 -2.04 -4.31 16.97
CA GLY A 122 -1.38 -5.51 16.50
C GLY A 122 -0.75 -5.35 15.14
N VAL A 123 -1.36 -4.56 14.26
CA VAL A 123 -0.75 -4.28 12.98
C VAL A 123 0.49 -3.43 13.19
N THR A 124 0.35 -2.37 13.98
CA THR A 124 1.48 -1.50 14.26
C THR A 124 2.62 -2.27 14.88
N ALA A 125 2.30 -3.21 15.78
CA ALA A 125 3.34 -3.97 16.44
C ALA A 125 4.16 -4.78 15.45
N PHE A 126 3.50 -5.33 14.44
CA PHE A 126 4.23 -6.05 13.41
C PHE A 126 5.20 -5.12 12.70
N ALA A 127 4.77 -3.91 12.35
CA ALA A 127 5.67 -2.94 11.75
C ALA A 127 6.91 -2.72 12.62
N ARG A 128 6.69 -2.49 13.91
CA ARG A 128 7.82 -2.30 14.81
C ARG A 128 8.73 -3.51 14.82
N ALA A 129 8.14 -4.70 14.78
CA ALA A 129 8.92 -5.92 14.87
C ALA A 129 9.84 -6.11 13.67
N ILE A 130 9.45 -5.58 12.50
CA ILE A 130 10.31 -5.69 11.33
C ILE A 130 11.11 -4.41 11.10
N GLY A 131 11.15 -3.52 12.08
CA GLY A 131 12.05 -2.39 12.05
C GLY A 131 11.47 -1.11 11.53
N ASP A 132 10.17 -1.03 11.39
CA ASP A 132 9.50 0.17 10.89
C ASP A 132 8.97 0.90 12.11
N GLU A 133 9.66 1.99 12.47
CA GLU A 133 9.32 2.83 13.61
C GLU A 133 8.37 3.96 13.24
N THR A 134 7.97 4.05 11.98
CA THR A 134 7.20 5.18 11.50
C THR A 134 5.75 4.86 11.27
N PHE A 135 5.47 3.70 10.70
CA PHE A 135 4.11 3.26 10.45
C PHE A 135 3.28 3.33 11.71
N ARG A 136 2.06 3.84 11.59
CA ARG A 136 1.14 3.73 12.70
C ARG A 136 -0.25 3.52 12.14
N LEU A 137 -0.89 2.47 12.61
CA LEU A 137 -2.29 2.21 12.30
C LEU A 137 -3.04 2.40 13.61
N ASP A 138 -4.02 3.27 13.57
CA ASP A 138 -4.76 3.76 14.71
C ASP A 138 -6.23 3.40 14.68
N ARG A 139 -6.79 3.27 13.50
CA ARG A 139 -8.22 3.08 13.32
C ARG A 139 -8.47 1.92 12.39
N THR A 140 -9.73 1.51 12.35
CA THR A 140 -10.22 0.48 11.45
C THR A 140 -10.84 1.14 10.23
N GLU A 141 -11.31 0.30 9.30
CA GLU A 141 -12.03 0.82 8.16
C GLU A 141 -13.46 1.17 8.55
N PRO A 142 -14.02 2.24 8.01
CA PRO A 142 -13.49 3.12 6.97
C PRO A 142 -12.85 4.39 7.50
N THR A 143 -12.83 4.57 8.82
CA THR A 143 -12.39 5.86 9.33
C THR A 143 -10.90 6.08 9.19
N LEU A 144 -10.10 5.04 8.93
CA LEU A 144 -8.69 5.32 8.75
C LEU A 144 -8.39 6.09 7.48
N ASN A 145 -9.38 6.32 6.61
CA ASN A 145 -9.18 7.05 5.37
C ASN A 145 -9.52 8.53 5.46
N THR A 146 -9.73 9.07 6.66
CA THR A 146 -10.19 10.46 6.74
C THR A 146 -9.13 11.43 6.21
N ALA A 147 -7.86 11.11 6.37
CA ALA A 147 -6.77 11.81 5.70
C ALA A 147 -6.75 13.31 6.03
N ILE A 148 -7.03 13.63 7.28
CA ILE A 148 -7.13 15.02 7.68
C ILE A 148 -5.74 15.64 7.72
N PRO A 149 -5.54 16.81 7.11
CA PRO A 149 -4.21 17.42 7.11
C PRO A 149 -3.68 17.57 8.52
N GLY A 150 -2.45 17.11 8.71
CA GLY A 150 -1.79 17.26 9.98
C GLY A 150 -2.07 16.17 10.98
N ASP A 151 -3.07 15.36 10.73
CA ASP A 151 -3.45 14.31 11.67
C ASP A 151 -2.45 13.18 11.55
N PRO A 152 -1.73 12.81 12.62
CA PRO A 152 -0.74 11.74 12.47
C PRO A 152 -1.33 10.35 12.42
N ARG A 153 -2.62 10.20 12.71
CA ARG A 153 -3.21 8.86 12.75
C ARG A 153 -3.13 8.23 11.37
N ASP A 154 -2.78 6.94 11.35
CA ASP A 154 -2.87 6.14 10.14
C ASP A 154 -2.01 6.72 9.03
N THR A 155 -0.79 7.11 9.40
CA THR A 155 0.16 7.66 8.47
C THR A 155 1.46 6.88 8.47
N THR A 156 2.22 7.09 7.42
CA THR A 156 3.61 6.72 7.40
C THR A 156 4.32 7.71 6.51
N THR A 157 5.62 7.54 6.35
CA THR A 157 6.36 8.34 5.42
C THR A 157 6.74 7.52 4.20
N PRO A 158 7.01 8.18 3.08
CA PRO A 158 7.42 7.43 1.89
C PRO A 158 8.67 6.61 2.12
N ARG A 159 9.66 7.19 2.80
CA ARG A 159 10.89 6.47 3.03
C ARG A 159 10.64 5.21 3.82
N ALA A 160 9.85 5.33 4.89
CA ALA A 160 9.62 4.19 5.76
C ALA A 160 8.87 3.10 5.00
N MET A 161 7.85 3.49 4.23
N MET A 161 7.85 3.49 4.25
CA MET A 161 7.04 2.47 3.57
CA MET A 161 7.04 2.48 3.56
C MET A 161 7.82 1.79 2.46
C MET A 161 7.85 1.78 2.48
N ALA A 162 8.69 2.53 1.76
CA ALA A 162 9.54 1.90 0.75
C ALA A 162 10.45 0.87 1.38
N GLN A 163 11.11 1.23 2.47
CA GLN A 163 12.00 0.28 3.14
C GLN A 163 11.24 -0.95 3.61
N THR A 164 10.06 -0.73 4.18
CA THR A 164 9.28 -1.86 4.69
C THR A 164 8.78 -2.72 3.55
N LEU A 165 8.30 -2.10 2.48
CA LEU A 165 7.83 -2.91 1.36
C LEU A 165 8.97 -3.72 0.76
N ARG A 166 10.16 -3.14 0.68
CA ARG A 166 11.32 -3.90 0.22
C ARG A 166 11.54 -5.13 1.11
N GLN A 167 11.55 -4.93 2.42
CA GLN A 167 11.82 -6.04 3.34
C GLN A 167 10.77 -7.13 3.20
N LEU A 168 9.51 -6.76 3.02
CA LEU A 168 8.44 -7.75 2.96
C LEU A 168 8.46 -8.57 1.68
N THR A 169 8.81 -7.94 0.55
CA THR A 169 8.67 -8.58 -0.74
C THR A 169 9.98 -9.10 -1.30
N LEU A 170 11.06 -8.37 -1.08
CA LEU A 170 12.36 -8.72 -1.64
C LEU A 170 13.32 -9.22 -0.59
N GLY A 171 13.16 -8.75 0.64
CA GLY A 171 13.93 -9.21 1.76
C GLY A 171 13.31 -10.41 2.42
N HIS A 172 13.65 -10.58 3.69
CA HIS A 172 13.32 -11.80 4.41
C HIS A 172 12.62 -11.50 5.72
N ALA A 173 11.82 -10.44 5.76
CA ALA A 173 10.97 -10.20 6.92
C ALA A 173 9.96 -11.32 7.09
N LEU A 174 9.59 -11.96 5.99
CA LEU A 174 8.70 -13.10 6.02
C LEU A 174 9.42 -14.37 5.58
N GLY A 175 8.82 -15.48 5.96
CA GLY A 175 9.31 -16.77 5.50
C GLY A 175 9.18 -16.90 4.00
N GLU A 176 9.90 -17.87 3.45
CA GLU A 176 10.00 -17.98 2.00
CA GLU A 176 10.00 -17.98 2.00
C GLU A 176 8.63 -18.17 1.36
N THR A 177 7.81 -19.07 1.91
CA THR A 177 6.50 -19.31 1.32
CA THR A 177 6.49 -19.32 1.34
C THR A 177 5.58 -18.11 1.51
N GLN A 178 5.69 -17.43 2.65
CA GLN A 178 4.87 -16.26 2.92
C GLN A 178 5.23 -15.10 2.00
N ARG A 179 6.53 -14.86 1.82
CA ARG A 179 6.97 -13.81 0.93
C ARG A 179 6.47 -14.07 -0.49
N ALA A 180 6.58 -15.32 -0.95
CA ALA A 180 6.16 -15.62 -2.31
C ALA A 180 4.67 -15.39 -2.46
N GLN A 181 3.91 -15.71 -1.41
CA GLN A 181 2.47 -15.52 -1.44
C GLN A 181 2.13 -14.05 -1.50
N LEU A 182 2.83 -13.23 -0.71
CA LEU A 182 2.59 -11.81 -0.74
C LEU A 182 2.87 -11.25 -2.12
N VAL A 183 3.99 -11.64 -2.71
CA VAL A 183 4.34 -11.17 -4.05
C VAL A 183 3.26 -11.57 -5.04
N THR A 184 2.84 -12.82 -5.00
CA THR A 184 1.77 -13.27 -5.88
C THR A 184 0.52 -12.42 -5.72
N TRP A 185 0.16 -12.11 -4.49
CA TRP A 185 -1.03 -11.29 -4.28
C TRP A 185 -0.84 -9.90 -4.86
N LEU A 186 0.31 -9.29 -4.62
CA LEU A 186 0.52 -7.93 -5.13
C LEU A 186 0.53 -7.90 -6.65
N LYS A 187 1.17 -8.88 -7.28
CA LYS A 187 1.19 -8.93 -8.75
C LYS A 187 -0.20 -9.05 -9.33
N GLY A 188 -1.13 -9.65 -8.59
CA GLY A 188 -2.48 -9.82 -9.05
C GLY A 188 -3.42 -8.70 -8.66
N ASN A 189 -2.89 -7.58 -8.19
CA ASN A 189 -3.75 -6.46 -7.86
C ASN A 189 -4.59 -6.06 -9.06
N THR A 190 -5.85 -5.72 -8.80
CA THR A 190 -6.77 -5.31 -9.85
C THR A 190 -7.04 -3.81 -9.89
N THR A 191 -6.56 -3.05 -8.91
CA THR A 191 -6.97 -1.65 -8.77
C THR A 191 -5.91 -0.66 -9.24
N GLY A 192 -4.80 -1.12 -9.80
CA GLY A 192 -3.64 -0.28 -10.01
C GLY A 192 -3.40 0.20 -11.42
N ALA A 193 -4.30 -0.09 -12.36
CA ALA A 193 -3.96 0.09 -13.76
C ALA A 193 -3.70 1.55 -14.13
N ALA A 194 -4.29 2.50 -13.41
CA ALA A 194 -4.18 3.92 -13.73
C ALA A 194 -3.14 4.64 -12.90
N SER A 195 -2.46 3.94 -12.01
CA SER A 195 -1.55 4.56 -11.04
C SER A 195 -0.12 4.30 -11.48
N ILE A 196 0.75 3.78 -10.60
CA ILE A 196 2.15 3.63 -10.97
C ILE A 196 2.29 2.89 -12.29
N ARG A 197 1.49 1.83 -12.48
CA ARG A 197 1.64 0.96 -13.65
C ARG A 197 1.55 1.75 -14.94
N ALA A 198 0.74 2.81 -14.94
CA ALA A 198 0.45 3.58 -16.15
C ALA A 198 1.62 4.44 -16.58
N GLY A 199 2.56 4.70 -15.70
CA GLY A 199 3.75 5.46 -16.00
C GLY A 199 4.94 4.62 -16.34
N LEU A 200 4.79 3.29 -16.39
CA LEU A 200 5.91 2.40 -16.60
C LEU A 200 5.75 1.63 -17.91
N PRO A 201 6.87 1.19 -18.49
CA PRO A 201 6.81 0.32 -19.67
C PRO A 201 5.89 -0.86 -19.44
N THR A 202 5.10 -1.20 -20.46
CA THR A 202 4.12 -2.27 -20.33
C THR A 202 4.78 -3.62 -20.12
N SER A 203 6.07 -3.74 -20.38
CA SER A 203 6.76 -5.02 -20.26
C SER A 203 7.26 -5.26 -18.84
N TRP A 204 7.34 -4.22 -18.01
CA TRP A 204 7.75 -4.39 -16.63
C TRP A 204 6.63 -5.05 -15.83
N THR A 205 7.04 -5.91 -14.90
CA THR A 205 6.10 -6.57 -14.01
C THR A 205 5.97 -5.75 -12.74
N VAL A 206 4.74 -5.51 -12.32
CA VAL A 206 4.48 -4.67 -11.17
C VAL A 206 3.59 -5.39 -10.19
N GLY A 207 3.90 -5.27 -8.91
CA GLY A 207 3.00 -5.66 -7.86
C GLY A 207 2.73 -4.40 -7.06
N ASP A 208 1.47 -4.07 -6.80
CA ASP A 208 1.21 -2.79 -6.15
C ASP A 208 -0.02 -2.87 -5.28
N LYS A 209 -0.14 -1.87 -4.42
CA LYS A 209 -1.33 -1.67 -3.62
C LYS A 209 -1.66 -0.19 -3.65
N THR A 210 -2.86 0.13 -4.12
CA THR A 210 -3.34 1.49 -4.17
C THR A 210 -3.96 1.90 -2.85
N GLY A 211 -4.15 3.20 -2.72
CA GLY A 211 -4.95 3.72 -1.62
C GLY A 211 -5.64 4.98 -2.07
N SER A 212 -6.82 5.19 -1.53
CA SER A 212 -7.60 6.38 -1.84
CA SER A 212 -7.62 6.37 -1.84
C SER A 212 -8.34 6.77 -0.58
N GLY A 213 -8.52 8.06 -0.41
CA GLY A 213 -9.20 8.52 0.77
C GLY A 213 -9.68 9.94 0.59
N ASP A 214 -10.11 10.53 1.69
CA ASP A 214 -10.58 11.90 1.62
C ASP A 214 -9.40 12.82 1.34
N TYR A 215 -9.70 14.09 1.16
CA TYR A 215 -8.69 15.07 0.76
C TYR A 215 -8.00 14.64 -0.53
N GLY A 216 -8.75 13.98 -1.40
CA GLY A 216 -8.23 13.58 -2.70
C GLY A 216 -6.99 12.72 -2.57
N THR A 217 -6.87 11.99 -1.48
CA THR A 217 -5.66 11.22 -1.23
C THR A 217 -5.59 10.06 -2.20
N THR A 218 -4.44 9.93 -2.85
CA THR A 218 -4.29 9.02 -3.97
C THR A 218 -2.90 8.45 -3.85
N ASN A 219 -2.81 7.16 -3.53
CA ASN A 219 -1.56 6.54 -3.16
C ASN A 219 -1.36 5.27 -3.97
N ASP A 220 -0.10 4.86 -4.07
CA ASP A 220 0.20 3.58 -4.67
C ASP A 220 1.58 3.21 -4.18
N ILE A 221 1.76 1.95 -3.83
CA ILE A 221 3.06 1.45 -3.43
C ILE A 221 3.30 0.22 -4.27
N ALA A 222 4.51 0.11 -4.81
CA ALA A 222 4.76 -0.91 -5.79
C ALA A 222 6.15 -1.50 -5.67
N VAL A 223 6.24 -2.78 -6.03
N VAL A 223 6.22 -2.77 -5.96
CA VAL A 223 7.50 -3.47 -6.28
CA VAL A 223 7.47 -3.44 -6.33
C VAL A 223 7.54 -3.79 -7.77
C VAL A 223 7.45 -3.59 -7.83
N ILE A 224 8.60 -3.37 -8.44
CA ILE A 224 8.69 -3.36 -9.88
C ILE A 224 9.84 -4.26 -10.30
N TRP A 225 9.54 -5.17 -11.22
CA TRP A 225 10.54 -6.07 -11.79
C TRP A 225 10.73 -5.67 -13.24
N PRO A 226 11.67 -4.79 -13.56
CA PRO A 226 11.96 -4.55 -14.97
C PRO A 226 12.60 -5.80 -15.54
N GLN A 227 12.29 -6.10 -16.82
CA GLN A 227 12.90 -7.25 -17.52
C GLN A 227 14.40 -6.94 -17.65
N GLY A 228 15.28 -7.85 -17.24
CA GLY A 228 16.72 -7.70 -17.24
C GLY A 228 17.24 -6.55 -16.41
N ARG A 229 16.86 -6.51 -15.13
CA ARG A 229 17.28 -5.41 -14.28
C ARG A 229 16.82 -5.70 -12.86
N ALA A 230 17.61 -5.28 -11.88
CA ALA A 230 17.25 -5.50 -10.50
C ALA A 230 15.91 -4.83 -10.23
N PRO A 231 15.14 -5.36 -9.30
CA PRO A 231 13.84 -4.76 -9.01
C PRO A 231 13.97 -3.44 -8.28
N LEU A 232 12.88 -2.71 -8.34
CA LEU A 232 12.75 -1.40 -7.71
C LEU A 232 11.54 -1.44 -6.81
N VAL A 233 11.58 -0.62 -5.76
CA VAL A 233 10.46 -0.38 -4.87
C VAL A 233 10.11 1.10 -5.02
N LEU A 234 8.85 1.38 -5.28
CA LEU A 234 8.42 2.76 -5.53
C LEU A 234 7.16 3.04 -4.73
N VAL A 235 7.20 4.08 -3.92
CA VAL A 235 6.05 4.54 -3.14
CA VAL A 235 6.04 4.53 -3.15
C VAL A 235 5.71 5.94 -3.61
N THR A 236 4.43 6.17 -3.91
CA THR A 236 3.95 7.47 -4.36
C THR A 236 2.71 7.79 -3.53
N TYR A 237 2.80 8.85 -2.75
CA TYR A 237 1.69 9.32 -1.93
CA TYR A 237 1.70 9.32 -1.92
C TYR A 237 1.31 10.70 -2.40
N PHE A 238 0.01 10.98 -2.41
CA PHE A 238 -0.44 12.28 -2.89
C PHE A 238 -1.69 12.66 -2.12
N THR A 239 -1.74 13.90 -1.65
CA THR A 239 -2.93 14.36 -0.95
C THR A 239 -3.11 15.84 -1.26
N GLN A 240 -4.33 16.32 -1.07
CA GLN A 240 -4.72 17.61 -1.57
C GLN A 240 -5.36 18.45 -0.47
N PRO A 241 -5.47 19.76 -0.67
CA PRO A 241 -5.93 20.60 0.44
C PRO A 241 -7.44 20.63 0.63
N GLN A 242 -8.23 20.17 -0.33
CA GLN A 242 -9.68 20.26 -0.26
CA GLN A 242 -9.69 20.26 -0.24
C GLN A 242 -10.24 18.91 0.18
N GLN A 243 -11.14 18.92 1.17
CA GLN A 243 -11.63 17.65 1.70
CA GLN A 243 -11.62 17.65 1.70
C GLN A 243 -12.29 16.79 0.63
N ASN A 244 -12.98 17.43 -0.31
CA ASN A 244 -13.74 16.74 -1.34
CA ASN A 244 -13.74 16.73 -1.33
C ASN A 244 -13.01 16.66 -2.67
N ALA A 245 -11.69 16.78 -2.66
CA ALA A 245 -10.92 16.78 -3.89
C ALA A 245 -11.04 15.44 -4.59
N GLU A 246 -10.94 15.48 -5.91
CA GLU A 246 -11.03 14.29 -6.73
C GLU A 246 -9.71 13.53 -6.69
N SER A 247 -9.79 12.22 -6.88
CA SER A 247 -8.59 11.40 -6.97
CA SER A 247 -8.59 11.42 -6.97
C SER A 247 -7.73 11.86 -8.15
N ARG A 248 -6.42 11.72 -8.00
CA ARG A 248 -5.49 12.13 -9.04
C ARG A 248 -4.49 11.01 -9.31
N ARG A 249 -5.00 9.89 -9.83
CA ARG A 249 -4.10 8.78 -10.14
CA ARG A 249 -4.10 8.78 -10.14
C ARG A 249 -3.09 9.17 -11.21
N ASP A 250 -3.44 10.13 -12.08
CA ASP A 250 -2.52 10.58 -13.11
C ASP A 250 -1.24 11.15 -12.53
N VAL A 251 -1.32 11.75 -11.34
CA VAL A 251 -0.12 12.27 -10.71
C VAL A 251 0.82 11.13 -10.35
N LEU A 252 0.26 10.00 -9.91
CA LEU A 252 1.10 8.88 -9.54
C LEU A 252 1.74 8.28 -10.78
N ALA A 253 0.94 8.12 -11.85
CA ALA A 253 1.47 7.68 -13.14
C ALA A 253 2.60 8.59 -13.60
N SER A 254 2.42 9.90 -13.47
CA SER A 254 3.43 10.83 -13.95
C SER A 254 4.69 10.76 -13.13
N ALA A 255 4.55 10.56 -11.82
CA ALA A 255 5.73 10.47 -10.97
C ALA A 255 6.51 9.21 -11.30
N ALA A 256 5.81 8.10 -11.51
CA ALA A 256 6.46 6.88 -11.95
C ALA A 256 7.20 7.10 -13.27
N ARG A 257 6.56 7.78 -14.22
N ARG A 257 6.56 7.78 -14.22
CA ARG A 257 7.21 8.01 -15.50
CA ARG A 257 7.21 8.00 -15.51
C ARG A 257 8.49 8.82 -15.34
C ARG A 257 8.49 8.82 -15.35
N ILE A 258 8.45 9.84 -14.48
CA ILE A 258 9.63 10.67 -14.23
C ILE A 258 10.76 9.84 -13.63
N ILE A 259 10.42 8.97 -12.67
CA ILE A 259 11.39 8.09 -12.04
C ILE A 259 11.98 7.14 -13.07
N ALA A 260 11.10 6.53 -13.89
CA ALA A 260 11.55 5.57 -14.88
C ALA A 260 12.51 6.22 -15.88
N GLU A 261 12.25 7.46 -16.25
CA GLU A 261 13.12 8.17 -17.18
C GLU A 261 14.53 8.35 -16.65
N GLY A 262 14.70 8.42 -15.33
CA GLY A 262 16.00 8.67 -14.75
C GLY A 262 16.83 7.42 -14.50
N LEU A 263 16.51 6.32 -15.19
CA LEU A 263 17.22 5.07 -14.98
C LEU A 263 17.53 4.37 -16.30
C1 YCH B . -10.79 1.80 -0.03
O1 YCH B . -8.81 1.64 -1.22
C2 YCH B . -11.99 2.87 -0.07
O2 YCH B . -7.89 3.27 0.28
O3 YCH B . -12.49 3.08 1.22
C YCH B . -10.21 1.69 -1.34
O YCH B . -9.82 2.17 0.86
B YCH B . -8.54 2.07 0.21
H11 YCH B . -11.20 0.85 0.28
H22 YCH B . -12.78 2.49 -0.71
H23 YCH B . -11.62 3.80 -0.47
H21 YCH B . -7.03 3.20 -0.06
H31 YCH B . -12.50 4.00 1.40
HC3 YCH B . -10.56 0.79 -1.81
HC2 YCH B . -10.48 2.56 -1.93
B BO4 C . -8.69 2.14 0.50
O1 BO4 C . -8.04 3.32 0.44
O2 BO4 C . -8.85 1.64 -0.74
O3 BO4 C . -9.89 2.32 1.07
HO1 BO4 C . -8.45 3.94 1.01
HO2 BO4 C . -9.77 1.60 -0.95
HO3 BO4 C . -9.85 2.06 1.98
S SO4 D . -7.73 1.80 -3.72
O1 SO4 D . -8.19 1.28 -5.02
O2 SO4 D . -6.81 2.90 -3.95
O3 SO4 D . -7.04 0.73 -3.01
O4 SO4 D . -8.87 2.26 -2.96
#